data_3VES
#
_entry.id   3VES
#
_cell.length_a   98.741
_cell.length_b   98.741
_cell.length_c   281.099
_cell.angle_alpha   90.000
_cell.angle_beta   90.000
_cell.angle_gamma   120.000
#
_symmetry.space_group_name_H-M   'P 61 2 2'
#
loop_
_entity.id
_entity.type
_entity.pdbx_description
1 polymer 'O-carbamoyltransferase TobZ'
2 non-polymer 'PHOSPHORIC ACID MONO(FORMAMIDE)ESTER'
3 non-polymer 'DIPHOSPHOMETHYLPHOSPHONIC ACID ADENOSYL ESTER'
4 non-polymer 'MANGANESE (II) ION'
5 non-polymer 'POTASSIUM ION'
6 non-polymer 'FE (II) ION'
7 non-polymer 1,2-ETHANEDIOL
8 water water
#
_entity_poly.entity_id   1
_entity_poly.type   'polypeptide(L)'
_entity_poly.pdbx_seq_one_letter_code
;HHHHHHMRVLGLNGWPRDFHDASAALLVDGRIAAFAEEERLTRKKHGYNTAPVQAAAFCLAQAGLTVDDLDAVAFGWDLP
AMYRERLGGWPHSDSEALDILLPRDVFPRRTDPPLHFVQHHLAHAASAYYFSGEDRGAVLIVDGQGEEECVTLAHAEGGK
ITVLDTVPGAWSLGFFYEHVSEYTGLGGDNPGKLMGLAAHGTTVDETLSAFAFDSDGYRLNLIDPQARDPEDWDEYSVTE
RAWFAHLERIYRLPPNEFVRRYDPAKGRVVRDTRRDPYEYRDLAATAQAALERAVFGLADSVLARTGERTLFVAGGVGLN
ATMNGKLLTRSTVDKMFVPPVASDIGVSLGAAAAVAVELGDRIAPMGDTAAWGPEFSPDQVRAALDRTGLAYREPANLER
EVAALIASGKVVGWAQGRGEVGPRALGQRSLLGSAHSPTMRDHINLRVKDREWWRPFAPSMLRSVSDQVLEVDADFPYMI
MTTKVRAAYAERLPSVVHEDWSTRPQTVTEASNPRYHRMLTELGDLVGDPVCLNTSFNDRGEPIVSSPADALLTFSRLPI
DALAVGPYLVTKDLRH
;
_entity_poly.pdbx_strand_id   A
#
loop_
_chem_comp.id
_chem_comp.type
_chem_comp.name
_chem_comp.formula
APC non-polymer 'DIPHOSPHOMETHYLPHOSPHONIC ACID ADENOSYL ESTER' 'C11 H18 N5 O12 P3'
CP non-polymer 'PHOSPHORIC ACID MONO(FORMAMIDE)ESTER' 'C H4 N O5 P'
EDO non-polymer 1,2-ETHANEDIOL 'C2 H6 O2'
FE2 non-polymer 'FE (II) ION' 'Fe 2'
K non-polymer 'POTASSIUM ION' 'K 1'
MN non-polymer 'MANGANESE (II) ION' 'Mn 2'
#
# COMPACT_ATOMS: atom_id res chain seq x y z
N HIS A 6 13.70 14.49 -24.20
CA HIS A 6 13.02 13.90 -23.06
C HIS A 6 13.75 12.67 -22.53
N MET A 7 13.93 12.62 -21.21
CA MET A 7 14.46 11.41 -20.57
C MET A 7 13.30 10.52 -20.08
N ARG A 8 13.20 9.33 -20.66
CA ARG A 8 12.10 8.41 -20.37
C ARG A 8 12.62 7.09 -19.78
N VAL A 9 12.22 6.81 -18.54
CA VAL A 9 12.72 5.63 -17.84
C VAL A 9 11.55 4.82 -17.34
N LEU A 10 11.49 3.55 -17.79
CA LEU A 10 10.49 2.61 -17.34
C LEU A 10 11.07 1.77 -16.21
N GLY A 11 10.44 1.84 -15.04
CA GLY A 11 10.83 1.09 -13.87
C GLY A 11 9.91 -0.12 -13.71
N LEU A 12 10.49 -1.25 -13.31
CA LEU A 12 9.74 -2.50 -13.22
C LEU A 12 9.99 -3.19 -11.89
N ASN A 13 9.01 -4.01 -11.52
CA ASN A 13 9.16 -4.96 -10.44
C ASN A 13 8.33 -6.18 -10.79
N GLY A 14 8.79 -7.36 -10.37
CA GLY A 14 8.07 -8.58 -10.69
C GLY A 14 8.89 -9.43 -11.63
N TRP A 15 8.85 -10.73 -11.40
CA TRP A 15 9.74 -11.65 -12.08
C TRP A 15 9.10 -13.02 -11.91
N PRO A 16 9.20 -13.88 -12.94
CA PRO A 16 8.44 -15.14 -12.97
C PRO A 16 8.76 -16.09 -11.81
N ARG A 17 9.96 -15.98 -11.25
CA ARG A 17 10.39 -16.88 -10.16
C ARG A 17 10.28 -16.25 -8.77
N ASP A 18 9.35 -16.76 -7.95
CA ASP A 18 9.31 -16.44 -6.51
C ASP A 18 9.27 -14.93 -6.21
N PHE A 19 8.31 -14.25 -6.81
CA PHE A 19 8.18 -12.81 -6.68
C PHE A 19 6.75 -12.42 -6.38
N HIS A 20 6.60 -11.22 -5.85
CA HIS A 20 5.30 -10.68 -5.54
C HIS A 20 5.35 -9.20 -5.83
N ASP A 21 4.17 -8.60 -5.97
CA ASP A 21 4.04 -7.14 -6.12
C ASP A 21 4.57 -6.55 -7.42
N ALA A 22 4.35 -7.28 -8.52
CA ALA A 22 4.70 -6.79 -9.86
C ALA A 22 4.06 -5.42 -10.12
N SER A 23 4.83 -4.50 -10.69
CA SER A 23 4.33 -3.18 -11.02
C SER A 23 5.22 -2.53 -12.06
N ALA A 24 4.72 -1.47 -12.69
CA ALA A 24 5.53 -0.72 -13.65
C ALA A 24 5.29 0.78 -13.49
N ALA A 25 6.37 1.55 -13.58
CA ALA A 25 6.23 3.01 -13.54
C ALA A 25 7.03 3.65 -14.66
N LEU A 26 6.43 4.66 -15.27
CA LEU A 26 7.09 5.37 -16.34
C LEU A 26 7.33 6.82 -15.93
N LEU A 27 8.61 7.21 -15.87
CA LEU A 27 8.98 8.60 -15.65
C LEU A 27 9.31 9.27 -16.96
N VAL A 28 8.71 10.44 -17.20
CA VAL A 28 9.12 11.28 -18.32
C VAL A 28 9.54 12.65 -17.81
N ASP A 29 10.84 12.91 -17.90
CA ASP A 29 11.45 14.13 -17.37
CA ASP A 29 11.44 14.14 -17.39
C ASP A 29 11.18 14.33 -15.87
N GLY A 30 11.28 13.25 -15.11
CA GLY A 30 11.12 13.31 -13.68
C GLY A 30 9.67 13.31 -13.24
N ARG A 31 8.75 13.26 -14.21
CA ARG A 31 7.33 13.20 -13.88
C ARG A 31 6.77 11.81 -14.11
N ILE A 32 5.79 11.44 -13.30
CA ILE A 32 5.17 10.13 -13.46
C ILE A 32 4.13 10.25 -14.54
N ALA A 33 4.39 9.63 -15.69
CA ALA A 33 3.46 9.69 -16.81
C ALA A 33 2.41 8.61 -16.61
N ALA A 34 2.84 7.50 -16.02
CA ALA A 34 1.98 6.35 -15.79
C ALA A 34 2.61 5.46 -14.72
N PHE A 35 1.76 4.70 -14.04
CA PHE A 35 2.20 3.81 -12.97
C PHE A 35 1.01 2.89 -12.68
N ALA A 36 1.25 1.58 -12.69
CA ALA A 36 0.18 0.63 -12.34
C ALA A 36 0.72 -0.62 -11.67
N GLU A 37 -0.17 -1.28 -10.92
CA GLU A 37 0.12 -2.57 -10.30
C GLU A 37 -0.45 -3.67 -11.18
N GLU A 38 0.32 -4.74 -11.34
CA GLU A 38 -0.08 -5.83 -12.23
C GLU A 38 -1.41 -6.42 -11.78
N GLU A 39 -1.60 -6.53 -10.48
CA GLU A 39 -2.78 -7.23 -9.93
C GLU A 39 -4.07 -6.56 -10.34
N ARG A 40 -4.03 -5.26 -10.55
CA ARG A 40 -5.23 -4.51 -10.87
C ARG A 40 -5.70 -4.85 -12.26
N LEU A 41 -4.75 -5.10 -13.15
CA LEU A 41 -5.07 -5.35 -14.55
C LEU A 41 -5.40 -6.82 -14.77
N THR A 42 -4.59 -7.70 -14.20
CA THR A 42 -4.84 -9.15 -14.26
C THR A 42 -5.98 -9.62 -13.35
N ARG A 43 -6.33 -8.80 -12.35
CA ARG A 43 -7.28 -9.21 -11.29
C ARG A 43 -6.71 -10.33 -10.41
N LYS A 44 -5.41 -10.59 -10.53
CA LYS A 44 -4.75 -11.61 -9.68
C LYS A 44 -4.01 -10.95 -8.53
N LYS A 45 -4.57 -11.10 -7.34
CA LYS A 45 -4.10 -10.37 -6.17
C LYS A 45 -2.62 -10.62 -5.84
N HIS A 46 -1.91 -9.53 -5.55
CA HIS A 46 -0.50 -9.51 -5.11
C HIS A 46 0.54 -9.60 -6.25
N GLY A 47 0.05 -9.79 -7.48
CA GLY A 47 0.92 -9.91 -8.65
C GLY A 47 2.06 -10.89 -8.51
N TYR A 48 1.74 -12.13 -8.13
CA TYR A 48 2.76 -13.15 -7.87
C TYR A 48 3.40 -13.74 -9.12
N ASN A 49 4.71 -13.98 -9.05
CA ASN A 49 5.44 -14.78 -10.04
C ASN A 49 5.23 -14.35 -11.49
N THR A 50 5.41 -13.06 -11.75
CA THR A 50 5.17 -12.56 -13.09
C THR A 50 5.92 -11.27 -13.31
N ALA A 51 6.49 -11.15 -14.50
CA ALA A 51 6.97 -9.86 -14.95
C ALA A 51 5.73 -8.98 -15.10
N PRO A 52 5.87 -7.66 -14.90
CA PRO A 52 4.73 -6.73 -14.97
C PRO A 52 4.28 -6.45 -16.41
N VAL A 53 3.90 -7.49 -17.13
CA VAL A 53 3.56 -7.41 -18.53
C VAL A 53 2.45 -6.39 -18.79
N GLN A 54 1.32 -6.54 -18.10
CA GLN A 54 0.18 -5.67 -18.37
C GLN A 54 0.40 -4.25 -17.91
N ALA A 55 0.99 -4.10 -16.72
CA ALA A 55 1.26 -2.77 -16.16
C ALA A 55 2.20 -2.00 -17.06
N ALA A 56 3.23 -2.68 -17.56
CA ALA A 56 4.20 -2.04 -18.44
C ALA A 56 3.56 -1.70 -19.78
N ALA A 57 2.67 -2.56 -20.25
CA ALA A 57 2.00 -2.29 -21.53
C ALA A 57 1.07 -1.09 -21.38
N PHE A 58 0.42 -1.00 -20.23
CA PHE A 58 -0.40 0.17 -19.94
C PHE A 58 0.45 1.43 -19.93
N CYS A 59 1.59 1.37 -19.26
CA CYS A 59 2.45 2.56 -19.10
C CYS A 59 2.86 3.13 -20.45
N LEU A 60 3.31 2.24 -21.33
CA LEU A 60 3.69 2.64 -22.68
C LEU A 60 2.49 3.19 -23.46
N ALA A 61 1.34 2.52 -23.38
CA ALA A 61 0.16 3.00 -24.10
C ALA A 61 -0.27 4.38 -23.62
N GLN A 62 -0.29 4.56 -22.31
CA GLN A 62 -0.64 5.83 -21.70
C GLN A 62 0.21 6.97 -22.25
N ALA A 63 1.52 6.75 -22.33
CA ALA A 63 2.41 7.82 -22.80
C ALA A 63 2.58 7.81 -24.33
N GLY A 64 1.98 6.85 -25.00
CA GLY A 64 2.09 6.77 -26.45
C GLY A 64 3.50 6.42 -26.88
N LEU A 65 4.17 5.56 -26.10
CA LEU A 65 5.54 5.16 -26.41
C LEU A 65 5.63 3.68 -26.75
N THR A 66 6.80 3.29 -27.24
CA THR A 66 7.20 1.89 -27.36
C THR A 66 8.52 1.78 -26.63
N VAL A 67 9.03 0.56 -26.48
CA VAL A 67 10.32 0.36 -25.84
C VAL A 67 11.45 1.15 -26.51
N ASP A 68 11.37 1.32 -27.83
CA ASP A 68 12.39 2.08 -28.55
C ASP A 68 12.43 3.55 -28.13
N ASP A 69 11.42 4.01 -27.40
CA ASP A 69 11.39 5.40 -26.99
C ASP A 69 11.96 5.56 -25.58
N LEU A 70 12.26 4.43 -24.94
CA LEU A 70 12.82 4.44 -23.58
C LEU A 70 14.32 4.72 -23.57
N ASP A 71 14.75 5.61 -22.68
CA ASP A 71 16.19 5.85 -22.46
C ASP A 71 16.80 4.75 -21.60
N ALA A 72 15.96 4.07 -20.83
CA ALA A 72 16.43 3.02 -19.92
C ALA A 72 15.27 2.24 -19.34
N VAL A 73 15.54 0.96 -19.02
CA VAL A 73 14.63 0.15 -18.24
C VAL A 73 15.29 -0.13 -16.88
N ALA A 74 14.55 0.04 -15.79
CA ALA A 74 15.12 -0.09 -14.46
C ALA A 74 14.37 -1.12 -13.64
N PHE A 75 15.10 -2.05 -13.00
CA PHE A 75 14.47 -3.07 -12.17
C PHE A 75 14.81 -2.90 -10.69
N GLY A 76 13.80 -3.03 -9.82
CA GLY A 76 13.93 -2.61 -8.44
C GLY A 76 14.50 -3.63 -7.46
N TRP A 77 15.29 -4.56 -7.97
CA TRP A 77 16.10 -5.45 -7.16
C TRP A 77 17.43 -5.64 -7.88
N ASP A 78 18.47 -5.99 -7.14
CA ASP A 78 19.71 -6.41 -7.78
C ASP A 78 19.64 -7.92 -8.08
N LEU A 79 18.82 -8.26 -9.07
CA LEU A 79 18.62 -9.65 -9.49
C LEU A 79 19.89 -10.47 -9.77
N PRO A 80 20.82 -9.94 -10.61
CA PRO A 80 22.03 -10.73 -10.88
C PRO A 80 22.73 -11.13 -9.58
N ALA A 81 22.75 -10.21 -8.61
CA ALA A 81 23.37 -10.48 -7.32
C ALA A 81 22.66 -11.59 -6.53
N MET A 82 21.33 -11.65 -6.60
CA MET A 82 20.58 -12.70 -5.90
C MET A 82 20.73 -14.07 -6.57
N TYR A 83 20.93 -14.07 -7.89
CA TYR A 83 21.16 -15.32 -8.59
C TYR A 83 22.58 -15.82 -8.32
N ARG A 84 23.55 -14.93 -8.37
CA ARG A 84 24.93 -15.30 -8.09
C ARG A 84 25.12 -15.80 -6.66
N GLU A 85 24.45 -15.18 -5.71
CA GLU A 85 24.63 -15.52 -4.30
C GLU A 85 23.85 -16.76 -3.86
N ARG A 86 22.57 -16.81 -4.21
CA ARG A 86 21.66 -17.83 -3.68
C ARG A 86 21.38 -18.97 -4.66
N LEU A 87 21.77 -18.80 -5.93
CA LEU A 87 21.34 -19.74 -6.96
C LEU A 87 22.45 -20.24 -7.89
N GLY A 88 23.71 -19.96 -7.53
CA GLY A 88 24.84 -20.47 -8.28
C GLY A 88 25.10 -19.83 -9.65
N GLY A 89 24.61 -18.62 -9.85
CA GLY A 89 24.93 -17.89 -11.07
C GLY A 89 23.78 -17.15 -11.74
N TRP A 90 24.14 -16.05 -12.41
CA TRP A 90 23.21 -15.24 -13.19
C TRP A 90 23.41 -15.58 -14.66
N PRO A 91 22.45 -16.30 -15.25
CA PRO A 91 22.60 -16.93 -16.57
C PRO A 91 22.13 -16.08 -17.76
N HIS A 92 21.67 -14.86 -17.51
CA HIS A 92 21.08 -14.04 -18.57
C HIS A 92 21.94 -12.87 -19.02
N SER A 93 22.14 -12.75 -20.33
CA SER A 93 22.56 -11.48 -20.90
C SER A 93 21.43 -10.48 -20.66
N ASP A 94 21.74 -9.19 -20.71
CA ASP A 94 20.73 -8.15 -20.61
C ASP A 94 19.58 -8.37 -21.60
N SER A 95 19.90 -8.82 -22.81
CA SER A 95 18.87 -9.03 -23.82
C SER A 95 17.92 -10.15 -23.41
N GLU A 96 18.49 -11.24 -22.88
CA GLU A 96 17.66 -12.35 -22.44
C GLU A 96 16.81 -11.92 -21.25
N ALA A 97 17.37 -11.07 -20.40
CA ALA A 97 16.60 -10.58 -19.24
C ALA A 97 15.43 -9.70 -19.68
N LEU A 98 15.70 -8.78 -20.62
CA LEU A 98 14.65 -7.96 -21.22
C LEU A 98 13.54 -8.79 -21.87
N ASP A 99 13.92 -9.86 -22.54
CA ASP A 99 12.94 -10.77 -23.15
C ASP A 99 12.00 -11.36 -22.10
N ILE A 100 12.48 -11.45 -20.86
CA ILE A 100 11.67 -11.98 -19.77
C ILE A 100 10.83 -10.89 -19.09
N LEU A 101 11.43 -9.71 -18.93
CA LEU A 101 10.75 -8.60 -18.26
C LEU A 101 9.72 -7.97 -19.18
N LEU A 102 10.07 -7.92 -20.47
CA LEU A 102 9.23 -7.28 -21.46
C LEU A 102 9.12 -8.17 -22.69
N PRO A 103 8.30 -9.23 -22.60
CA PRO A 103 8.16 -10.21 -23.68
C PRO A 103 7.88 -9.56 -25.04
N ARG A 104 8.60 -10.01 -26.07
CA ARG A 104 8.53 -9.36 -27.38
C ARG A 104 7.18 -9.48 -28.07
N ASP A 105 6.35 -10.43 -27.65
CA ASP A 105 5.01 -10.48 -28.23
C ASP A 105 4.16 -9.30 -27.75
N VAL A 106 4.49 -8.74 -26.59
CA VAL A 106 3.77 -7.59 -26.09
C VAL A 106 4.58 -6.31 -26.31
N PHE A 107 5.90 -6.45 -26.33
CA PHE A 107 6.82 -5.31 -26.39
C PHE A 107 7.78 -5.39 -27.57
N PRO A 108 7.29 -5.17 -28.79
CA PRO A 108 8.20 -5.25 -29.94
C PRO A 108 9.23 -4.14 -29.85
N ARG A 109 10.47 -4.40 -30.27
CA ARG A 109 11.53 -3.41 -30.20
CA ARG A 109 11.54 -3.42 -30.19
C ARG A 109 12.60 -3.69 -31.24
N ARG A 110 13.12 -2.62 -31.82
CA ARG A 110 14.21 -2.71 -32.79
C ARG A 110 15.48 -3.16 -32.08
N THR A 111 15.74 -2.58 -30.91
CA THR A 111 17.00 -2.80 -30.20
C THR A 111 16.72 -2.78 -28.69
N ASP A 112 17.71 -3.16 -27.89
CA ASP A 112 17.54 -3.14 -26.43
C ASP A 112 17.90 -1.82 -25.77
N PRO A 113 16.98 -1.29 -24.98
CA PRO A 113 17.33 -0.14 -24.13
C PRO A 113 18.32 -0.61 -23.08
N PRO A 114 19.14 0.32 -22.54
CA PRO A 114 20.03 -0.04 -21.44
C PRO A 114 19.19 -0.56 -20.27
N LEU A 115 19.65 -1.65 -19.67
CA LEU A 115 18.97 -2.27 -18.55
C LEU A 115 19.73 -1.99 -17.28
N HIS A 116 19.04 -1.48 -16.26
CA HIS A 116 19.64 -1.19 -14.96
C HIS A 116 19.01 -2.03 -13.85
N PHE A 117 19.84 -2.63 -13.02
CA PHE A 117 19.34 -3.25 -11.79
C PHE A 117 19.67 -2.35 -10.62
N VAL A 118 18.64 -2.02 -9.84
CA VAL A 118 18.81 -1.11 -8.73
C VAL A 118 18.60 -1.91 -7.45
N GLN A 119 19.58 -1.80 -6.55
CA GLN A 119 19.58 -2.48 -5.28
C GLN A 119 18.27 -2.20 -4.55
N HIS A 120 17.68 -3.23 -3.96
CA HIS A 120 16.28 -3.17 -3.58
C HIS A 120 15.93 -2.05 -2.61
N HIS A 121 16.75 -1.88 -1.58
CA HIS A 121 16.46 -0.84 -0.60
C HIS A 121 16.81 0.55 -1.13
N LEU A 122 17.74 0.61 -2.08
CA LEU A 122 17.97 1.90 -2.75
C LEU A 122 16.71 2.32 -3.52
N ALA A 123 16.07 1.34 -4.16
CA ALA A 123 14.82 1.59 -4.89
C ALA A 123 13.69 2.05 -3.94
N HIS A 124 13.54 1.34 -2.82
CA HIS A 124 12.64 1.76 -1.75
C HIS A 124 12.96 3.18 -1.29
N ALA A 125 14.23 3.41 -0.97
CA ALA A 125 14.66 4.75 -0.57
C ALA A 125 14.31 5.81 -1.61
N ALA A 126 14.62 5.53 -2.88
CA ALA A 126 14.36 6.49 -3.96
C ALA A 126 12.87 6.81 -4.07
N SER A 127 12.01 5.82 -3.84
CA SER A 127 10.56 6.04 -3.98
C SER A 127 10.05 7.04 -2.91
N ALA A 128 10.81 7.19 -1.83
CA ALA A 128 10.42 8.10 -0.77
C ALA A 128 11.09 9.45 -0.95
N TYR A 129 12.42 9.45 -0.98
CA TYR A 129 13.19 10.70 -1.05
C TYR A 129 12.83 11.56 -2.26
N TYR A 130 13.04 11.02 -3.46
CA TYR A 130 12.95 11.86 -4.66
C TYR A 130 11.56 12.42 -4.91
N PHE A 131 10.55 11.85 -4.28
CA PHE A 131 9.18 12.27 -4.54
C PHE A 131 8.57 13.06 -3.39
N SER A 132 9.39 13.35 -2.37
CA SER A 132 8.89 13.95 -1.13
C SER A 132 8.72 15.45 -1.19
N GLY A 133 9.35 16.08 -2.17
CA GLY A 133 9.39 17.54 -2.22
C GLY A 133 10.29 18.14 -1.14
N GLU A 134 11.13 17.30 -0.52
CA GLU A 134 12.07 17.75 0.52
C GLU A 134 13.50 17.48 0.07
N ASP A 135 14.39 18.45 0.32
CA ASP A 135 15.73 18.38 -0.27
C ASP A 135 16.65 17.41 0.44
N ARG A 136 16.36 17.14 1.71
CA ARG A 136 17.19 16.25 2.51
C ARG A 136 16.43 15.64 3.69
N GLY A 137 17.00 14.59 4.27
CA GLY A 137 16.42 13.96 5.46
C GLY A 137 16.97 12.57 5.72
N ALA A 138 16.60 12.00 6.85
CA ALA A 138 16.99 10.63 7.23
C ALA A 138 16.15 9.59 6.48
N VAL A 139 16.78 8.51 6.06
CA VAL A 139 16.08 7.44 5.36
C VAL A 139 15.98 6.18 6.19
N LEU A 140 14.76 5.70 6.40
CA LEU A 140 14.53 4.46 7.15
C LEU A 140 13.78 3.48 6.27
N ILE A 141 14.46 2.43 5.84
CA ILE A 141 13.83 1.37 5.07
C ILE A 141 13.58 0.16 5.96
N VAL A 142 12.31 -0.17 6.18
CA VAL A 142 11.98 -1.30 7.02
C VAL A 142 11.07 -2.24 6.25
N ASP A 143 11.59 -3.43 6.02
CA ASP A 143 11.09 -4.26 4.94
C ASP A 143 10.82 -5.66 5.43
N GLY A 144 10.33 -6.51 4.55
CA GLY A 144 10.46 -7.94 4.78
C GLY A 144 11.94 -8.26 4.57
N GLN A 145 12.37 -8.26 3.31
CA GLN A 145 13.78 -8.44 2.99
C GLN A 145 14.06 -7.92 1.58
N GLY A 146 15.18 -7.22 1.41
CA GLY A 146 15.74 -6.99 0.10
C GLY A 146 16.60 -8.18 -0.30
N GLU A 147 17.73 -7.94 -0.97
CA GLU A 147 18.56 -9.06 -1.40
C GLU A 147 19.15 -9.79 -0.20
N GLU A 148 19.55 -9.03 0.82
CA GLU A 148 20.13 -9.62 2.01
C GLU A 148 19.50 -9.03 3.26
N GLU A 149 19.43 -7.71 3.32
CA GLU A 149 19.12 -6.96 4.54
C GLU A 149 17.61 -6.74 4.71
N CYS A 150 17.15 -6.60 5.96
CA CYS A 150 15.73 -6.31 6.22
C CYS A 150 15.53 -4.84 6.59
N VAL A 151 16.62 -4.18 6.94
CA VAL A 151 16.56 -2.76 7.33
C VAL A 151 17.72 -2.01 6.71
N THR A 152 17.44 -0.79 6.27
CA THR A 152 18.49 0.09 5.76
C THR A 152 18.30 1.47 6.37
N LEU A 153 19.39 2.02 6.92
CA LEU A 153 19.40 3.37 7.44
C LEU A 153 20.26 4.18 6.49
N ALA A 154 19.73 5.28 5.99
CA ALA A 154 20.50 6.05 5.02
C ALA A 154 20.31 7.55 5.20
N HIS A 155 21.16 8.30 4.51
CA HIS A 155 21.08 9.75 4.54
C HIS A 155 20.81 10.26 3.14
N ALA A 156 19.68 10.95 3.00
CA ALA A 156 19.32 11.57 1.74
C ALA A 156 19.66 13.06 1.81
N GLU A 157 20.51 13.52 0.89
CA GLU A 157 20.88 14.93 0.79
C GLU A 157 21.54 15.20 -0.56
N GLY A 158 21.43 16.44 -1.03
CA GLY A 158 21.92 16.83 -2.34
C GLY A 158 21.60 15.88 -3.49
N GLY A 159 20.51 15.13 -3.36
CA GLY A 159 20.09 14.20 -4.41
C GLY A 159 20.78 12.85 -4.35
N LYS A 160 21.56 12.63 -3.29
CA LYS A 160 22.27 11.37 -3.11
C LYS A 160 21.72 10.61 -1.91
N ILE A 161 21.68 9.28 -2.02
CA ILE A 161 21.32 8.44 -0.88
C ILE A 161 22.54 7.64 -0.45
N THR A 162 23.01 7.92 0.76
CA THR A 162 24.18 7.24 1.30
C THR A 162 23.76 6.33 2.47
N VAL A 163 24.02 5.03 2.32
CA VAL A 163 23.68 4.03 3.31
C VAL A 163 24.58 4.16 4.54
N LEU A 164 23.99 4.15 5.73
CA LEU A 164 24.75 4.22 6.98
C LEU A 164 24.98 2.84 7.59
N ASP A 165 23.89 2.09 7.77
CA ASP A 165 23.94 0.71 8.27
C ASP A 165 22.76 -0.07 7.74
N THR A 166 22.82 -1.39 7.89
CA THR A 166 21.74 -2.29 7.54
C THR A 166 21.52 -3.31 8.66
N VAL A 167 20.39 -4.01 8.65
CA VAL A 167 20.15 -5.16 9.52
C VAL A 167 19.95 -6.40 8.64
N PRO A 168 20.61 -7.51 8.98
CA PRO A 168 20.49 -8.77 8.21
C PRO A 168 19.08 -9.35 8.22
N GLY A 169 18.77 -10.16 7.21
CA GLY A 169 17.41 -10.57 6.93
C GLY A 169 16.70 -11.37 8.01
N ALA A 170 17.43 -12.24 8.71
CA ALA A 170 16.82 -13.10 9.71
C ALA A 170 16.23 -12.29 10.86
N TRP A 171 16.63 -11.03 11.01
CA TRP A 171 16.08 -10.21 12.08
C TRP A 171 14.94 -9.34 11.58
N SER A 172 14.35 -9.76 10.46
CA SER A 172 13.28 -8.97 9.81
C SER A 172 12.07 -8.68 10.69
N LEU A 173 11.79 -7.40 10.88
CA LEU A 173 10.57 -6.97 11.53
C LEU A 173 9.38 -7.25 10.62
N GLY A 174 9.62 -7.21 9.31
CA GLY A 174 8.58 -7.45 8.33
C GLY A 174 8.08 -8.88 8.40
N PHE A 175 9.02 -9.81 8.46
CA PHE A 175 8.70 -11.23 8.50
C PHE A 175 8.09 -11.56 9.85
N PHE A 176 8.66 -11.01 10.91
CA PHE A 176 8.11 -11.20 12.25
C PHE A 176 6.61 -10.89 12.26
N TYR A 177 6.29 -9.69 11.79
CA TYR A 177 4.90 -9.23 11.79
C TYR A 177 4.03 -10.16 10.94
N GLU A 178 4.53 -10.58 9.78
CA GLU A 178 3.78 -11.53 8.96
C GLU A 178 3.63 -12.90 9.62
N HIS A 179 4.65 -13.31 10.36
CA HIS A 179 4.57 -14.61 10.99
C HIS A 179 3.50 -14.60 12.09
N VAL A 180 3.44 -13.50 12.85
CA VAL A 180 2.37 -13.34 13.86
C VAL A 180 1.02 -13.32 13.19
N SER A 181 0.95 -12.60 12.06
CA SER A 181 -0.29 -12.53 11.30
C SER A 181 -0.76 -13.91 10.85
N GLU A 182 0.17 -14.69 10.31
CA GLU A 182 -0.10 -16.08 9.92
C GLU A 182 -0.53 -16.90 11.15
N TYR A 183 0.17 -16.72 12.27
CA TYR A 183 -0.07 -17.49 13.50
C TYR A 183 -1.50 -17.33 14.01
N THR A 184 -2.02 -16.11 13.88
CA THR A 184 -3.36 -15.76 14.39
C THR A 184 -4.46 -16.28 13.49
N GLY A 185 -4.06 -16.78 12.33
CA GLY A 185 -5.01 -17.26 11.34
C GLY A 185 -5.45 -16.15 10.39
N LEU A 186 -5.01 -14.92 10.63
CA LEU A 186 -5.33 -13.82 9.73
C LEU A 186 -4.56 -13.96 8.41
N GLY A 187 -3.35 -14.49 8.49
CA GLY A 187 -2.58 -14.79 7.30
C GLY A 187 -1.35 -13.92 7.12
N GLY A 188 -0.23 -14.54 6.73
CA GLY A 188 0.99 -13.79 6.47
C GLY A 188 0.82 -12.73 5.37
N ASP A 189 -0.17 -12.92 4.50
CA ASP A 189 -0.40 -11.99 3.38
C ASP A 189 -1.46 -10.93 3.72
N ASN A 190 -1.94 -10.95 4.96
CA ASN A 190 -2.86 -9.94 5.45
C ASN A 190 -2.36 -9.25 6.71
N PRO A 191 -1.10 -8.78 6.71
CA PRO A 191 -0.68 -8.15 7.98
C PRO A 191 -1.45 -6.86 8.30
N GLY A 192 -2.04 -6.22 7.29
CA GLY A 192 -2.90 -5.07 7.54
C GLY A 192 -4.07 -5.43 8.46
N LYS A 193 -4.53 -6.69 8.39
CA LYS A 193 -5.59 -7.13 9.27
C LYS A 193 -5.11 -7.17 10.71
N LEU A 194 -3.89 -7.67 10.90
CA LEU A 194 -3.31 -7.75 12.23
C LEU A 194 -3.21 -6.37 12.88
N MET A 195 -2.82 -5.38 12.08
CA MET A 195 -2.73 -4.01 12.54
C MET A 195 -4.07 -3.50 13.01
N GLY A 196 -5.13 -3.89 12.30
CA GLY A 196 -6.47 -3.49 12.68
C GLY A 196 -6.92 -4.18 13.96
N LEU A 197 -6.50 -5.42 14.14
CA LEU A 197 -6.85 -6.17 15.33
C LEU A 197 -6.16 -5.61 16.58
N ALA A 198 -4.98 -5.02 16.41
CA ALA A 198 -4.13 -4.60 17.52
C ALA A 198 -4.85 -3.74 18.58
N ALA A 199 -5.72 -2.85 18.15
CA ALA A 199 -6.34 -1.90 19.07
C ALA A 199 -7.40 -2.54 19.93
N HIS A 200 -7.81 -3.76 19.56
CA HIS A 200 -8.83 -4.48 20.30
C HIS A 200 -8.24 -5.29 21.43
N GLY A 201 -6.90 -5.36 21.48
CA GLY A 201 -6.23 -6.14 22.50
C GLY A 201 -5.45 -5.33 23.51
N THR A 202 -4.84 -6.01 24.49
CA THR A 202 -4.01 -5.37 25.50
C THR A 202 -2.60 -5.96 25.49
N THR A 203 -1.59 -5.10 25.65
CA THR A 203 -0.20 -5.52 25.69
C THR A 203 0.29 -5.71 27.12
N VAL A 204 0.87 -6.86 27.42
CA VAL A 204 1.49 -7.06 28.73
C VAL A 204 3.00 -6.92 28.64
N ASP A 205 3.60 -7.67 27.72
CA ASP A 205 5.05 -7.70 27.58
C ASP A 205 5.41 -7.56 26.12
N GLU A 206 5.83 -6.35 25.74
CA GLU A 206 6.13 -6.02 24.35
C GLU A 206 7.45 -6.60 23.85
N THR A 207 8.23 -7.23 24.71
CA THR A 207 9.42 -7.95 24.24
C THR A 207 9.00 -9.26 23.57
N LEU A 208 7.85 -9.79 24.00
CA LEU A 208 7.40 -11.10 23.59
C LEU A 208 8.48 -12.12 23.92
N SER A 209 9.27 -11.84 24.96
CA SER A 209 10.40 -12.68 25.35
C SER A 209 11.36 -12.98 24.21
N ALA A 210 11.42 -12.06 23.24
CA ALA A 210 12.23 -12.27 22.03
C ALA A 210 13.07 -11.04 21.74
N PHE A 211 12.40 -9.90 21.64
CA PHE A 211 13.03 -8.61 21.44
C PHE A 211 13.68 -8.07 22.70
N ALA A 212 14.91 -7.55 22.54
CA ALA A 212 15.47 -6.62 23.51
C ALA A 212 15.44 -5.26 22.83
N PHE A 213 14.95 -4.24 23.52
CA PHE A 213 14.91 -2.89 22.91
C PHE A 213 16.03 -2.01 23.42
N ASP A 214 16.50 -1.12 22.56
CA ASP A 214 17.49 -0.13 22.95
C ASP A 214 17.28 1.18 22.20
N SER A 215 18.08 2.18 22.53
CA SER A 215 17.87 3.52 22.00
C SER A 215 18.04 3.61 20.48
N ASP A 216 18.70 2.61 19.88
CA ASP A 216 18.98 2.65 18.43
C ASP A 216 18.19 1.63 17.62
N GLY A 217 17.21 0.99 18.25
CA GLY A 217 16.46 -0.05 17.57
C GLY A 217 16.19 -1.24 18.47
N TYR A 218 16.68 -2.40 18.07
CA TYR A 218 16.30 -3.65 18.73
C TYR A 218 17.29 -4.80 18.55
N ARG A 219 17.07 -5.85 19.32
CA ARG A 219 17.83 -7.09 19.19
C ARG A 219 16.92 -8.31 19.20
N LEU A 220 17.31 -9.34 18.45
CA LEU A 220 16.58 -10.59 18.40
C LEU A 220 17.52 -11.77 18.70
N ASN A 221 17.89 -11.94 19.95
CA ASN A 221 18.85 -12.98 20.29
C ASN A 221 18.26 -14.40 20.15
N LEU A 222 16.93 -14.45 20.02
CA LEU A 222 16.23 -15.67 19.60
C LEU A 222 16.78 -16.26 18.29
N ILE A 223 17.07 -15.38 17.33
CA ILE A 223 17.48 -15.81 16.01
C ILE A 223 18.91 -15.40 15.70
N ASP A 224 19.74 -16.35 15.26
CA ASP A 224 21.08 -16.01 14.76
C ASP A 224 20.89 -15.03 13.60
N PRO A 225 21.46 -13.82 13.72
CA PRO A 225 21.27 -12.78 12.69
C PRO A 225 21.88 -13.14 11.34
N GLN A 226 22.85 -14.05 11.32
CA GLN A 226 23.50 -14.46 10.07
C GLN A 226 22.85 -15.71 9.48
N ALA A 227 21.73 -16.13 10.05
CA ALA A 227 21.04 -17.33 9.57
C ALA A 227 20.56 -17.15 8.13
N ARG A 228 20.88 -18.12 7.28
CA ARG A 228 20.47 -18.08 5.89
C ARG A 228 19.82 -19.38 5.47
N ASP A 229 18.84 -19.28 4.59
CA ASP A 229 18.19 -20.45 4.03
C ASP A 229 18.96 -20.79 2.75
N PRO A 230 19.67 -21.93 2.78
CA PRO A 230 20.54 -22.32 1.67
C PRO A 230 19.73 -22.88 0.49
N GLU A 231 18.42 -22.97 0.67
CA GLU A 231 17.55 -23.58 -0.33
C GLU A 231 16.50 -22.62 -0.87
N ASP A 232 16.55 -21.36 -0.41
CA ASP A 232 15.73 -20.31 -1.00
C ASP A 232 16.58 -19.07 -1.10
N TRP A 233 16.00 -17.94 -1.46
CA TRP A 233 16.78 -16.70 -1.52
C TRP A 233 16.29 -15.58 -0.61
N ASP A 234 15.33 -15.89 0.25
CA ASP A 234 15.05 -15.04 1.42
C ASP A 234 14.99 -15.90 2.68
N GLU A 235 15.00 -15.25 3.84
CA GLU A 235 15.02 -15.94 5.11
C GLU A 235 13.63 -16.14 5.72
N TYR A 236 12.60 -16.13 4.86
CA TYR A 236 11.22 -16.19 5.35
C TYR A 236 10.94 -17.50 6.10
N SER A 237 11.27 -18.62 5.47
CA SER A 237 10.98 -19.93 6.06
C SER A 237 11.84 -20.22 7.29
N VAL A 238 13.06 -19.67 7.34
CA VAL A 238 13.89 -19.79 8.53
C VAL A 238 13.30 -19.00 9.68
N THR A 239 12.93 -17.75 9.43
CA THR A 239 12.31 -16.92 10.46
C THR A 239 10.93 -17.46 10.86
N GLU A 240 10.20 -18.02 9.90
CA GLU A 240 8.88 -18.58 10.18
C GLU A 240 8.97 -19.71 11.21
N ARG A 241 9.94 -20.61 11.02
CA ARG A 241 10.17 -21.70 11.96
C ARG A 241 10.47 -21.16 13.35
N ALA A 242 11.45 -20.27 13.46
CA ALA A 242 11.85 -19.73 14.77
C ALA A 242 10.69 -19.01 15.44
N TRP A 243 10.01 -18.15 14.69
CA TRP A 243 8.86 -17.44 15.27
C TRP A 243 7.72 -18.37 15.68
N PHE A 244 7.37 -19.33 14.83
CA PHE A 244 6.28 -20.24 15.21
C PHE A 244 6.57 -21.02 16.47
N ALA A 245 7.78 -21.57 16.56
CA ALA A 245 8.20 -22.32 17.74
C ALA A 245 8.21 -21.44 19.00
N HIS A 246 8.75 -20.23 18.88
CA HIS A 246 8.83 -19.31 20.01
C HIS A 246 7.43 -18.90 20.46
N LEU A 247 6.57 -18.55 19.51
CA LEU A 247 5.23 -18.12 19.85
C LEU A 247 4.42 -19.24 20.52
N GLU A 248 4.49 -20.45 19.98
CA GLU A 248 3.74 -21.56 20.57
C GLU A 248 4.23 -21.85 22.00
N ARG A 249 5.47 -21.47 22.29
CA ARG A 249 6.03 -21.70 23.61
C ARG A 249 5.58 -20.61 24.61
N ILE A 250 5.70 -19.34 24.24
CA ILE A 250 5.41 -18.25 25.17
C ILE A 250 3.94 -17.79 25.23
N TYR A 251 3.16 -18.09 24.20
CA TYR A 251 1.77 -17.59 24.15
C TYR A 251 0.78 -18.71 24.47
N ARG A 252 -0.31 -18.36 25.16
CA ARG A 252 -1.26 -19.38 25.63
CA ARG A 252 -1.27 -19.37 25.63
C ARG A 252 -1.93 -20.17 24.52
N LEU A 253 -2.14 -19.54 23.35
CA LEU A 253 -2.77 -20.25 22.23
C LEU A 253 -1.74 -20.80 21.24
N PRO A 254 -1.96 -22.03 20.75
CA PRO A 254 -1.10 -22.59 19.70
C PRO A 254 -1.41 -21.90 18.36
N PRO A 255 -0.65 -22.21 17.29
CA PRO A 255 -1.02 -21.57 16.03
C PRO A 255 -2.48 -21.81 15.64
N ASN A 256 -3.12 -20.80 15.06
CA ASN A 256 -4.45 -21.01 14.49
C ASN A 256 -4.25 -21.82 13.21
N GLU A 257 -5.08 -22.83 12.98
CA GLU A 257 -4.90 -23.65 11.78
C GLU A 257 -5.94 -23.34 10.74
N PHE A 258 -5.58 -23.54 9.48
CA PHE A 258 -6.53 -23.32 8.40
C PHE A 258 -7.36 -24.55 8.15
N VAL A 259 -8.64 -24.34 7.89
CA VAL A 259 -9.57 -25.43 7.69
C VAL A 259 -10.15 -25.32 6.27
N ARG A 260 -10.03 -26.42 5.51
CA ARG A 260 -10.55 -26.49 4.15
C ARG A 260 -11.66 -27.52 4.10
N ARG A 261 -12.89 -27.05 3.92
CA ARG A 261 -14.03 -27.95 3.94
C ARG A 261 -15.06 -27.51 2.91
N TYR A 262 -15.80 -28.48 2.37
CA TYR A 262 -16.84 -28.16 1.40
C TYR A 262 -18.01 -27.46 2.10
N ASP A 263 -18.42 -26.32 1.55
CA ASP A 263 -19.55 -25.56 2.07
C ASP A 263 -20.70 -25.71 1.08
N PRO A 264 -21.72 -26.50 1.44
CA PRO A 264 -22.81 -26.80 0.50
C PRO A 264 -23.62 -25.56 0.11
N ALA A 265 -23.53 -24.50 0.90
CA ALA A 265 -24.18 -23.22 0.57
C ALA A 265 -23.47 -22.51 -0.57
N LYS A 266 -22.18 -22.80 -0.73
CA LYS A 266 -21.38 -22.13 -1.75
C LYS A 266 -20.94 -23.07 -2.89
N GLY A 267 -21.15 -24.37 -2.69
CA GLY A 267 -20.80 -25.36 -3.69
C GLY A 267 -19.31 -25.43 -3.96
N ARG A 268 -18.52 -25.09 -2.93
CA ARG A 268 -17.07 -25.03 -3.07
C ARG A 268 -16.39 -25.42 -1.76
N VAL A 269 -15.16 -25.91 -1.85
CA VAL A 269 -14.32 -26.02 -0.68
C VAL A 269 -13.92 -24.58 -0.32
N VAL A 270 -14.18 -24.17 0.92
CA VAL A 270 -13.78 -22.85 1.38
C VAL A 270 -12.71 -22.97 2.45
N ARG A 271 -11.84 -21.99 2.53
CA ARG A 271 -10.81 -21.97 3.55
C ARG A 271 -11.22 -21.03 4.68
N ASP A 272 -11.10 -21.54 5.89
CA ASP A 272 -11.52 -20.86 7.10
C ASP A 272 -10.42 -21.13 8.13
N THR A 273 -10.64 -20.66 9.34
CA THR A 273 -9.68 -20.87 10.42
C THR A 273 -10.36 -21.66 11.53
N ARG A 274 -9.59 -22.49 12.23
CA ARG A 274 -10.12 -23.33 13.30
C ARG A 274 -10.63 -22.46 14.47
N ARG A 275 -9.89 -21.42 14.81
CA ARG A 275 -10.33 -20.50 15.85
C ARG A 275 -10.65 -19.15 15.23
N ASP A 276 -11.43 -18.34 15.94
CA ASP A 276 -11.60 -16.93 15.60
C ASP A 276 -10.28 -16.19 15.89
N PRO A 277 -9.72 -15.53 14.87
CA PRO A 277 -8.47 -14.74 15.05
C PRO A 277 -8.62 -13.67 16.14
N TYR A 278 -9.85 -13.20 16.37
CA TYR A 278 -10.11 -12.22 17.41
C TYR A 278 -9.60 -12.69 18.79
N GLU A 279 -9.64 -14.00 19.01
CA GLU A 279 -9.08 -14.59 20.23
C GLU A 279 -7.60 -14.21 20.44
N TYR A 280 -6.88 -13.90 19.35
CA TYR A 280 -5.46 -13.59 19.45
C TYR A 280 -5.19 -12.09 19.57
N ARG A 281 -6.24 -11.31 19.84
CA ARG A 281 -6.11 -9.84 19.84
C ARG A 281 -4.98 -9.33 20.74
N ASP A 282 -4.80 -10.00 21.88
CA ASP A 282 -3.74 -9.61 22.80
C ASP A 282 -2.36 -9.80 22.18
N LEU A 283 -2.16 -10.89 21.46
CA LEU A 283 -0.91 -11.13 20.73
C LEU A 283 -0.71 -10.07 19.63
N ALA A 284 -1.80 -9.68 18.97
CA ALA A 284 -1.75 -8.65 17.91
C ALA A 284 -1.29 -7.34 18.51
N ALA A 285 -1.88 -6.99 19.65
CA ALA A 285 -1.57 -5.74 20.32
C ALA A 285 -0.11 -5.77 20.71
N THR A 286 0.35 -6.93 21.16
CA THR A 286 1.73 -7.06 21.63
C THR A 286 2.73 -7.02 20.47
N ALA A 287 2.40 -7.69 19.38
CA ALA A 287 3.22 -7.61 18.17
C ALA A 287 3.30 -6.18 17.65
N GLN A 288 2.18 -5.47 17.66
CA GLN A 288 2.17 -4.09 17.18
C GLN A 288 3.05 -3.21 18.07
N ALA A 289 2.97 -3.41 19.38
CA ALA A 289 3.77 -2.59 20.29
C ALA A 289 5.26 -2.85 20.08
N ALA A 290 5.61 -4.12 19.92
CA ALA A 290 7.00 -4.52 19.70
C ALA A 290 7.57 -3.88 18.43
N LEU A 291 6.81 -3.93 17.35
CA LEU A 291 7.22 -3.32 16.07
C LEU A 291 7.41 -1.83 16.24
N GLU A 292 6.44 -1.17 16.84
CA GLU A 292 6.54 0.26 17.08
C GLU A 292 7.79 0.56 17.88
N ARG A 293 8.01 -0.17 18.98
CA ARG A 293 9.18 0.10 19.83
C ARG A 293 10.50 -0.11 19.06
N ALA A 294 10.57 -1.18 18.26
CA ALA A 294 11.74 -1.43 17.45
C ALA A 294 11.96 -0.29 16.47
N VAL A 295 10.89 0.12 15.79
CA VAL A 295 10.99 1.15 14.75
C VAL A 295 11.27 2.54 15.33
N PHE A 296 10.74 2.83 16.53
CA PHE A 296 11.07 4.11 17.17
C PHE A 296 12.58 4.26 17.37
N GLY A 297 13.22 3.20 17.85
CA GLY A 297 14.65 3.22 18.08
C GLY A 297 15.44 3.42 16.78
N LEU A 298 15.06 2.66 15.76
CA LEU A 298 15.70 2.76 14.45
C LEU A 298 15.59 4.17 13.91
N ALA A 299 14.39 4.74 14.01
CA ALA A 299 14.16 6.09 13.51
C ALA A 299 14.89 7.16 14.30
N ASP A 300 14.89 7.06 15.64
CA ASP A 300 15.64 8.03 16.45
C ASP A 300 17.12 7.98 16.07
N SER A 301 17.60 6.75 15.87
CA SER A 301 19.02 6.50 15.61
C SER A 301 19.46 7.16 14.31
N VAL A 302 18.72 6.91 13.23
CA VAL A 302 19.11 7.45 11.93
C VAL A 302 18.91 8.98 11.86
N LEU A 303 17.91 9.49 12.55
CA LEU A 303 17.70 10.94 12.60
C LEU A 303 18.83 11.63 13.36
N ALA A 304 19.25 11.03 14.47
CA ALA A 304 20.34 11.63 15.24
C ALA A 304 21.67 11.57 14.48
N ARG A 305 21.97 10.42 13.87
CA ARG A 305 23.22 10.25 13.11
C ARG A 305 23.28 11.18 11.92
N THR A 306 22.13 11.53 11.37
CA THR A 306 22.12 12.37 10.18
C THR A 306 21.97 13.88 10.47
N GLY A 307 21.57 14.22 11.68
CA GLY A 307 21.33 15.62 12.02
C GLY A 307 20.09 16.17 11.33
N GLU A 308 19.22 15.27 10.90
CA GLU A 308 18.00 15.67 10.20
C GLU A 308 16.80 15.54 11.11
N ARG A 309 15.74 16.29 10.80
CA ARG A 309 14.48 16.17 11.53
C ARG A 309 13.36 15.84 10.56
N THR A 310 13.74 15.50 9.33
CA THR A 310 12.79 15.00 8.34
C THR A 310 13.06 13.53 8.07
N LEU A 311 12.01 12.71 8.16
CA LEU A 311 12.17 11.27 8.06
C LEU A 311 11.44 10.71 6.87
N PHE A 312 12.18 9.93 6.07
CA PHE A 312 11.59 9.17 4.98
C PHE A 312 11.50 7.72 5.38
N VAL A 313 10.35 7.12 5.11
CA VAL A 313 10.13 5.71 5.41
C VAL A 313 9.60 5.01 4.16
N ALA A 314 10.23 3.89 3.79
CA ALA A 314 9.64 2.98 2.81
C ALA A 314 9.95 1.53 3.21
N GLY A 315 9.59 0.58 2.36
CA GLY A 315 9.68 -0.81 2.76
C GLY A 315 8.30 -1.27 3.19
N GLY A 316 8.04 -2.57 3.17
CA GLY A 316 6.72 -3.08 3.50
C GLY A 316 6.17 -2.65 4.85
N VAL A 317 7.04 -2.51 5.83
CA VAL A 317 6.61 -2.17 7.17
C VAL A 317 6.13 -0.72 7.20
N GLY A 318 6.53 0.05 6.18
CA GLY A 318 6.09 1.43 6.03
C GLY A 318 4.59 1.56 5.78
N LEU A 319 3.96 0.44 5.43
CA LEU A 319 2.51 0.38 5.36
C LEU A 319 1.87 0.36 6.74
N ASN A 320 2.68 0.36 7.80
CA ASN A 320 2.07 0.33 9.13
C ASN A 320 1.66 1.73 9.57
N ALA A 321 0.43 2.08 9.23
CA ALA A 321 -0.06 3.44 9.40
C ALA A 321 -0.06 3.86 10.86
N THR A 322 -0.36 2.91 11.75
CA THR A 322 -0.39 3.22 13.18
C THR A 322 1.00 3.66 13.62
N MET A 323 1.99 2.85 13.29
CA MET A 323 3.38 3.15 13.59
C MET A 323 3.79 4.50 12.98
N ASN A 324 3.44 4.70 11.72
CA ASN A 324 3.74 5.96 11.07
C ASN A 324 3.15 7.15 11.79
N GLY A 325 1.91 7.02 12.25
CA GLY A 325 1.25 8.07 13.02
C GLY A 325 1.93 8.42 14.33
N LYS A 326 2.52 7.42 14.98
CA LYS A 326 3.22 7.67 16.26
C LYS A 326 4.63 8.21 16.01
N LEU A 327 5.27 7.78 14.93
CA LEU A 327 6.54 8.36 14.52
C LEU A 327 6.37 9.85 14.33
N LEU A 328 5.30 10.22 13.65
CA LEU A 328 5.01 11.60 13.34
C LEU A 328 4.97 12.47 14.60
N THR A 329 4.33 11.97 15.66
CA THR A 329 4.15 12.75 16.88
C THR A 329 5.39 12.71 17.77
N ARG A 330 6.42 12.01 17.31
CA ARG A 330 7.62 11.80 18.10
C ARG A 330 8.47 13.07 18.14
N SER A 331 9.09 13.32 19.30
CA SER A 331 9.81 14.57 19.55
C SER A 331 11.02 14.76 18.63
N THR A 332 11.55 13.64 18.14
CA THR A 332 12.69 13.64 17.22
C THR A 332 12.28 13.88 15.76
N VAL A 333 10.98 14.00 15.51
CA VAL A 333 10.49 14.13 14.13
C VAL A 333 9.72 15.43 13.92
N ASP A 334 10.13 16.20 12.91
CA ASP A 334 9.44 17.44 12.57
C ASP A 334 8.58 17.29 11.34
N LYS A 335 9.15 16.66 10.30
CA LYS A 335 8.41 16.37 9.07
C LYS A 335 8.68 14.93 8.63
N MET A 336 7.68 14.35 7.97
CA MET A 336 7.75 12.94 7.62
C MET A 336 7.13 12.73 6.23
N PHE A 337 7.81 11.98 5.38
CA PHE A 337 7.21 11.56 4.12
C PHE A 337 7.22 10.04 3.96
N VAL A 338 6.04 9.48 3.76
CA VAL A 338 5.91 8.07 3.39
C VAL A 338 5.08 7.98 2.11
N PRO A 339 5.65 7.40 1.05
CA PRO A 339 4.91 7.35 -0.23
C PRO A 339 3.80 6.32 -0.17
N PRO A 340 2.74 6.49 -0.98
CA PRO A 340 1.67 5.50 -1.08
C PRO A 340 2.21 4.12 -1.44
N VAL A 341 3.36 4.10 -2.09
CA VAL A 341 3.90 2.84 -2.58
C VAL A 341 5.15 2.46 -1.78
N ALA A 342 5.02 2.53 -0.45
CA ALA A 342 6.13 2.18 0.43
C ALA A 342 6.54 0.71 0.28
N SER A 343 5.57 -0.13 -0.07
CA SER A 343 5.83 -1.57 -0.22
C SER A 343 6.53 -1.83 -1.53
N ASP A 344 6.67 -3.11 -1.88
CA ASP A 344 7.45 -3.52 -3.06
C ASP A 344 6.91 -3.06 -4.39
N ILE A 345 5.62 -2.70 -4.45
CA ILE A 345 5.08 -2.19 -5.69
C ILE A 345 5.81 -0.91 -6.08
N GLY A 346 6.32 -0.20 -5.07
CA GLY A 346 7.01 1.08 -5.25
C GLY A 346 8.43 1.01 -5.76
N VAL A 347 9.03 -0.18 -5.77
CA VAL A 347 10.44 -0.25 -6.18
C VAL A 347 10.59 -0.14 -7.71
N SER A 348 9.50 -0.34 -8.45
CA SER A 348 9.50 -0.03 -9.88
C SER A 348 9.72 1.47 -10.05
N LEU A 349 8.82 2.26 -9.47
CA LEU A 349 8.98 3.70 -9.46
C LEU A 349 10.34 4.13 -8.92
N GLY A 350 10.76 3.57 -7.80
CA GLY A 350 12.03 3.93 -7.18
C GLY A 350 13.25 3.57 -8.01
N ALA A 351 13.20 2.43 -8.70
CA ALA A 351 14.30 2.06 -9.58
C ALA A 351 14.37 3.10 -10.71
N ALA A 352 13.20 3.48 -11.22
CA ALA A 352 13.14 4.43 -12.31
C ALA A 352 13.66 5.80 -11.89
N ALA A 353 13.31 6.22 -10.67
CA ALA A 353 13.83 7.49 -10.15
C ALA A 353 15.34 7.50 -9.96
N ALA A 354 15.88 6.46 -9.33
CA ALA A 354 17.33 6.36 -9.14
C ALA A 354 18.07 6.44 -10.47
N VAL A 355 17.52 5.79 -11.49
CA VAL A 355 18.16 5.81 -12.81
C VAL A 355 17.97 7.15 -13.50
N ALA A 356 16.79 7.76 -13.34
CA ALA A 356 16.52 9.05 -13.97
C ALA A 356 17.47 10.11 -13.39
N VAL A 357 17.68 10.05 -12.08
CA VAL A 357 18.60 10.99 -11.43
C VAL A 357 20.04 10.81 -11.92
N GLU A 358 20.45 9.55 -12.03
CA GLU A 358 21.79 9.21 -12.52
C GLU A 358 21.97 9.75 -13.93
N LEU A 359 20.87 9.81 -14.68
CA LEU A 359 20.89 10.31 -16.07
C LEU A 359 20.71 11.83 -16.14
N GLY A 360 20.67 12.48 -14.98
CA GLY A 360 20.67 13.94 -14.94
C GLY A 360 19.30 14.58 -14.81
N ASP A 361 18.26 13.77 -14.59
CA ASP A 361 16.92 14.30 -14.45
C ASP A 361 16.62 14.77 -13.01
N ARG A 362 15.69 15.71 -12.89
CA ARG A 362 15.22 16.18 -11.60
C ARG A 362 13.82 15.61 -11.36
N ILE A 363 13.59 15.06 -10.18
CA ILE A 363 12.35 14.35 -9.89
C ILE A 363 11.31 15.25 -9.26
N ALA A 364 10.14 15.30 -9.87
CA ALA A 364 9.05 16.12 -9.37
C ALA A 364 8.41 15.46 -8.15
N PRO A 365 7.93 16.28 -7.19
CA PRO A 365 7.25 15.71 -6.03
C PRO A 365 5.93 15.10 -6.46
N MET A 366 5.48 14.04 -5.80
CA MET A 366 4.23 13.38 -6.16
C MET A 366 3.05 14.33 -6.08
N GLY A 367 3.01 15.12 -5.02
CA GLY A 367 2.02 16.16 -4.89
C GLY A 367 0.62 15.66 -4.59
N ASP A 368 0.47 15.03 -3.43
CA ASP A 368 -0.85 14.81 -2.85
C ASP A 368 -1.81 14.01 -3.73
N THR A 369 -1.26 13.15 -4.56
CA THR A 369 -2.09 12.30 -5.39
C THR A 369 -1.36 10.99 -5.67
N ALA A 370 -2.11 9.90 -5.76
CA ALA A 370 -1.55 8.61 -6.19
C ALA A 370 -2.19 8.19 -7.51
N ALA A 371 -2.87 9.13 -8.15
CA ALA A 371 -3.77 8.80 -9.27
C ALA A 371 -3.04 8.65 -10.60
N TRP A 372 -2.39 7.50 -10.82
CA TRP A 372 -1.54 7.34 -12.01
C TRP A 372 -1.86 6.14 -12.87
N GLY A 373 -2.85 5.36 -12.48
CA GLY A 373 -3.25 4.24 -13.29
C GLY A 373 -4.17 4.64 -14.44
N PRO A 374 -4.80 3.66 -15.07
CA PRO A 374 -5.68 3.97 -16.21
C PRO A 374 -6.92 4.76 -15.83
N GLU A 375 -7.37 5.60 -16.76
CA GLU A 375 -8.68 6.21 -16.65
C GLU A 375 -9.45 5.93 -17.94
N PHE A 376 -10.74 6.22 -17.90
CA PHE A 376 -11.63 5.86 -18.99
C PHE A 376 -12.54 7.02 -19.36
N SER A 377 -12.68 7.23 -20.66
CA SER A 377 -13.50 8.29 -21.19
C SER A 377 -14.96 7.88 -21.03
N PRO A 378 -15.86 8.87 -21.00
CA PRO A 378 -17.32 8.68 -20.98
C PRO A 378 -17.78 7.67 -22.04
N ASP A 379 -17.20 7.75 -23.22
CA ASP A 379 -17.51 6.80 -24.29
C ASP A 379 -17.08 5.38 -23.90
N GLN A 380 -15.93 5.25 -23.24
CA GLN A 380 -15.48 3.92 -22.82
C GLN A 380 -16.35 3.37 -21.68
N VAL A 381 -16.72 4.23 -20.73
CA VAL A 381 -17.61 3.85 -19.65
C VAL A 381 -18.99 3.43 -20.19
N ARG A 382 -19.49 4.16 -21.19
CA ARG A 382 -20.80 3.87 -21.78
C ARG A 382 -20.87 2.50 -22.49
N ALA A 383 -19.77 2.11 -23.13
CA ALA A 383 -19.68 0.81 -23.77
C ALA A 383 -19.82 -0.30 -22.73
N ALA A 384 -19.10 -0.14 -21.62
CA ALA A 384 -19.15 -1.09 -20.51
C ALA A 384 -20.55 -1.15 -19.91
N LEU A 385 -21.18 0.02 -19.77
CA LEU A 385 -22.56 0.11 -19.29
C LEU A 385 -23.53 -0.59 -20.21
N ASP A 386 -23.45 -0.26 -21.50
CA ASP A 386 -24.37 -0.80 -22.50
C ASP A 386 -24.23 -2.32 -22.61
N ARG A 387 -23.02 -2.82 -22.35
CA ARG A 387 -22.79 -4.26 -22.34
C ARG A 387 -23.65 -5.00 -21.30
N THR A 388 -23.81 -4.42 -20.11
CA THR A 388 -24.52 -5.06 -19.01
C THR A 388 -26.03 -4.98 -19.16
N GLY A 389 -26.51 -3.96 -19.86
CA GLY A 389 -27.93 -3.75 -20.03
C GLY A 389 -28.63 -3.06 -18.87
N LEU A 390 -27.86 -2.49 -17.95
CA LEU A 390 -28.46 -1.77 -16.81
C LEU A 390 -28.84 -0.35 -17.21
N ALA A 391 -29.94 0.13 -16.64
CA ALA A 391 -30.35 1.54 -16.78
C ALA A 391 -29.38 2.45 -16.03
N TYR A 392 -29.29 3.70 -16.47
CA TYR A 392 -28.41 4.69 -15.85
C TYR A 392 -28.72 6.11 -16.30
N ARG A 393 -28.29 7.08 -15.48
CA ARG A 393 -28.49 8.49 -15.78
C ARG A 393 -27.14 9.19 -15.95
N GLU A 394 -27.18 10.38 -16.51
CA GLU A 394 -26.03 11.27 -16.55
C GLU A 394 -26.44 12.57 -15.88
N PRO A 395 -26.37 12.60 -14.53
CA PRO A 395 -26.89 13.69 -13.70
C PRO A 395 -26.25 15.03 -14.06
N ALA A 396 -27.00 16.12 -14.00
CA ALA A 396 -26.42 17.43 -14.29
C ALA A 396 -25.40 17.84 -13.22
N ASN A 397 -25.59 17.34 -12.02
CA ASN A 397 -24.63 17.56 -10.94
C ASN A 397 -24.37 16.26 -10.18
N LEU A 398 -23.46 15.44 -10.72
CA LEU A 398 -23.14 14.15 -10.12
C LEU A 398 -22.69 14.28 -8.66
N GLU A 399 -21.85 15.29 -8.42
CA GLU A 399 -21.26 15.49 -7.11
C GLU A 399 -22.31 15.78 -6.05
N ARG A 400 -23.26 16.64 -6.39
CA ARG A 400 -24.32 17.00 -5.46
C ARG A 400 -25.21 15.80 -5.16
N GLU A 401 -25.54 15.04 -6.21
CA GLU A 401 -26.40 13.87 -6.08
C GLU A 401 -25.75 12.78 -5.23
N VAL A 402 -24.48 12.52 -5.49
CA VAL A 402 -23.69 11.58 -4.71
C VAL A 402 -23.61 11.99 -3.24
N ALA A 403 -23.36 13.28 -2.98
CA ALA A 403 -23.34 13.78 -1.60
C ALA A 403 -24.66 13.50 -0.92
N ALA A 404 -25.75 13.72 -1.65
CA ALA A 404 -27.07 13.49 -1.08
C ALA A 404 -27.28 12.02 -0.75
N LEU A 405 -26.77 11.13 -1.61
CA LEU A 405 -26.89 9.69 -1.36
C LEU A 405 -26.13 9.29 -0.12
N ILE A 406 -24.91 9.81 0.01
CA ILE A 406 -24.07 9.51 1.17
C ILE A 406 -24.71 10.02 2.47
N ALA A 407 -25.23 11.23 2.42
CA ALA A 407 -25.90 11.82 3.57
C ALA A 407 -27.08 10.97 4.06
N SER A 408 -27.77 10.31 3.14
CA SER A 408 -28.98 9.58 3.50
C SER A 408 -28.69 8.18 4.02
N GLY A 409 -27.42 7.82 4.07
CA GLY A 409 -27.02 6.51 4.59
C GLY A 409 -26.82 5.46 3.49
N LYS A 410 -26.66 5.90 2.26
CA LYS A 410 -26.44 4.97 1.16
C LYS A 410 -24.96 4.76 0.89
N VAL A 411 -24.61 3.59 0.35
CA VAL A 411 -23.23 3.27 0.01
C VAL A 411 -23.05 3.43 -1.49
N VAL A 412 -22.14 4.32 -1.89
CA VAL A 412 -21.97 4.70 -3.29
C VAL A 412 -20.59 4.33 -3.86
N GLY A 413 -20.57 3.52 -4.91
CA GLY A 413 -19.34 3.29 -5.67
C GLY A 413 -18.94 4.58 -6.38
N TRP A 414 -17.63 4.84 -6.41
CA TRP A 414 -17.11 6.06 -6.99
C TRP A 414 -15.87 5.69 -7.81
N ALA A 415 -16.05 5.65 -9.12
CA ALA A 415 -14.96 5.27 -10.01
C ALA A 415 -14.72 6.37 -11.01
N GLN A 416 -13.68 7.15 -10.77
CA GLN A 416 -13.45 8.38 -11.52
C GLN A 416 -11.98 8.52 -11.83
N GLY A 417 -11.69 9.04 -13.02
CA GLY A 417 -10.33 9.42 -13.38
C GLY A 417 -9.32 8.28 -13.27
N ARG A 418 -8.06 8.64 -13.04
CA ARG A 418 -6.96 7.68 -13.04
C ARG A 418 -6.98 6.82 -11.79
N GLY A 419 -6.83 5.50 -11.97
CA GLY A 419 -6.72 4.59 -10.85
C GLY A 419 -5.59 4.95 -9.93
N GLU A 420 -5.86 4.90 -8.63
CA GLU A 420 -4.79 5.07 -7.66
C GLU A 420 -3.86 3.85 -7.64
N VAL A 421 -2.60 4.12 -7.37
CA VAL A 421 -1.65 3.01 -7.16
C VAL A 421 -1.36 2.93 -5.66
N GLY A 422 -1.03 1.74 -5.17
CA GLY A 422 -0.90 1.54 -3.73
C GLY A 422 -2.14 0.86 -3.19
N PRO A 423 -2.12 0.47 -1.92
CA PRO A 423 -3.21 -0.38 -1.43
C PRO A 423 -4.43 0.43 -0.97
N ARG A 424 -4.35 1.75 -1.00
CA ARG A 424 -5.47 2.57 -0.54
C ARG A 424 -6.27 3.18 -1.67
N ALA A 425 -7.59 3.24 -1.49
CA ALA A 425 -8.45 3.98 -2.43
C ALA A 425 -8.55 5.42 -1.94
N LEU A 426 -8.40 6.36 -2.88
CA LEU A 426 -8.28 7.76 -2.53
C LEU A 426 -9.25 8.63 -3.32
N GLY A 427 -10.44 8.10 -3.60
CA GLY A 427 -11.43 8.83 -4.37
C GLY A 427 -11.26 8.70 -5.89
N GLN A 428 -10.61 7.64 -6.35
CA GLN A 428 -10.60 7.29 -7.78
C GLN A 428 -11.34 5.98 -7.95
N ARG A 429 -11.14 5.07 -7.00
CA ARG A 429 -11.81 3.76 -7.02
C ARG A 429 -12.30 3.43 -5.63
N SER A 430 -13.25 4.25 -5.18
CA SER A 430 -13.69 4.19 -3.80
C SER A 430 -15.12 3.73 -3.63
N LEU A 431 -15.42 3.23 -2.43
CA LEU A 431 -16.78 3.01 -1.96
C LEU A 431 -17.01 4.04 -0.87
N LEU A 432 -18.04 4.87 -1.02
CA LEU A 432 -18.28 5.97 -0.11
C LEU A 432 -19.47 5.71 0.79
N GLY A 433 -19.33 6.11 2.05
CA GLY A 433 -20.42 5.99 3.01
C GLY A 433 -20.39 7.14 3.99
N SER A 434 -21.44 7.23 4.79
CA SER A 434 -21.53 8.29 5.80
C SER A 434 -20.50 8.14 6.92
N ALA A 435 -19.81 9.23 7.22
CA ALA A 435 -18.83 9.25 8.30
C ALA A 435 -19.56 9.40 9.64
N HIS A 436 -20.79 9.91 9.56
CA HIS A 436 -21.56 10.26 10.75
C HIS A 436 -22.49 9.14 11.22
N SER A 437 -22.65 8.12 10.39
CA SER A 437 -23.57 7.03 10.74
C SER A 437 -22.97 6.09 11.77
N PRO A 438 -23.70 5.84 12.88
CA PRO A 438 -23.22 4.88 13.89
C PRO A 438 -23.51 3.42 13.48
N THR A 439 -24.16 3.20 12.34
CA THR A 439 -24.38 1.85 11.87
C THR A 439 -23.66 1.54 10.56
N MET A 440 -23.06 2.57 9.96
CA MET A 440 -22.38 2.40 8.67
C MET A 440 -21.24 1.40 8.73
N ARG A 441 -20.48 1.43 9.81
CA ARG A 441 -19.31 0.56 9.95
C ARG A 441 -19.70 -0.92 9.90
N ASP A 442 -20.70 -1.29 10.69
CA ASP A 442 -21.17 -2.68 10.72
C ASP A 442 -21.83 -3.04 9.39
N HIS A 443 -22.52 -2.07 8.79
CA HIS A 443 -23.20 -2.32 7.52
C HIS A 443 -22.21 -2.69 6.41
N ILE A 444 -21.16 -1.90 6.27
CA ILE A 444 -20.19 -2.15 5.22
C ILE A 444 -19.38 -3.40 5.53
N ASN A 445 -18.95 -3.55 6.79
CA ASN A 445 -18.21 -4.74 7.18
C ASN A 445 -18.98 -6.03 6.96
N LEU A 446 -20.18 -6.08 7.50
CA LEU A 446 -20.90 -7.35 7.60
C LEU A 446 -21.81 -7.59 6.41
N ARG A 447 -22.44 -6.54 5.89
CA ARG A 447 -23.35 -6.71 4.77
C ARG A 447 -22.68 -6.54 3.39
N VAL A 448 -21.92 -5.46 3.24
CA VAL A 448 -21.41 -5.07 1.93
C VAL A 448 -20.10 -5.76 1.48
N LYS A 449 -19.01 -5.54 2.21
CA LYS A 449 -17.71 -6.07 1.82
C LYS A 449 -17.35 -7.40 2.50
N ASP A 450 -18.16 -7.83 3.47
CA ASP A 450 -17.95 -9.14 4.12
C ASP A 450 -16.62 -9.24 4.89
N ARG A 451 -16.32 -8.23 5.70
CA ARG A 451 -15.14 -8.26 6.55
C ARG A 451 -15.49 -8.54 8.02
N GLU A 452 -14.44 -8.64 8.83
CA GLU A 452 -14.61 -8.92 10.24
C GLU A 452 -15.25 -7.72 10.91
N TRP A 453 -16.06 -7.93 11.93
CA TRP A 453 -16.76 -6.83 12.58
C TRP A 453 -15.81 -5.82 13.20
N TRP A 454 -14.61 -6.30 13.52
CA TRP A 454 -13.66 -5.47 14.25
C TRP A 454 -12.76 -4.62 13.35
N ARG A 455 -12.89 -4.76 12.04
CA ARG A 455 -12.09 -3.92 11.13
C ARG A 455 -12.61 -2.47 11.09
N PRO A 456 -11.70 -1.50 11.27
CA PRO A 456 -12.07 -0.08 11.21
C PRO A 456 -12.09 0.44 9.78
N PHE A 457 -12.82 1.53 9.56
CA PHE A 457 -12.80 2.24 8.29
C PHE A 457 -12.17 3.60 8.48
N ALA A 458 -11.92 4.27 7.37
CA ALA A 458 -11.17 5.52 7.34
C ALA A 458 -11.91 6.60 6.56
N PRO A 459 -11.62 7.88 6.87
CA PRO A 459 -12.35 8.99 6.26
C PRO A 459 -11.56 9.74 5.18
N SER A 460 -12.28 10.23 4.19
CA SER A 460 -11.77 11.32 3.36
C SER A 460 -12.37 12.64 3.85
N MET A 461 -11.57 13.70 3.82
CA MET A 461 -12.04 15.02 4.21
C MET A 461 -11.26 16.13 3.52
N LEU A 462 -11.88 17.31 3.41
CA LEU A 462 -11.20 18.49 2.87
C LEU A 462 -10.01 18.87 3.74
N ARG A 463 -8.88 19.17 3.10
CA ARG A 463 -7.73 19.70 3.82
C ARG A 463 -8.12 20.93 4.65
N SER A 464 -9.10 21.70 4.17
CA SER A 464 -9.49 22.95 4.83
C SER A 464 -10.09 22.78 6.23
N VAL A 465 -10.67 21.62 6.52
CA VAL A 465 -11.25 21.39 7.85
C VAL A 465 -10.42 20.45 8.68
N SER A 466 -9.35 19.92 8.10
CA SER A 466 -8.60 18.84 8.75
C SER A 466 -7.94 19.30 10.07
N ASP A 467 -7.67 20.60 10.20
CA ASP A 467 -7.12 21.16 11.43
C ASP A 467 -8.10 21.08 12.60
N GLN A 468 -9.40 21.20 12.30
CA GLN A 468 -10.45 21.10 13.33
C GLN A 468 -10.77 19.65 13.66
N VAL A 469 -10.67 18.78 12.67
CA VAL A 469 -11.03 17.39 12.83
C VAL A 469 -9.92 16.58 13.50
N LEU A 470 -8.68 16.80 13.07
CA LEU A 470 -7.55 15.99 13.52
C LEU A 470 -6.66 16.72 14.51
N GLU A 471 -5.94 15.94 15.33
CA GLU A 471 -5.05 16.52 16.33
C GLU A 471 -3.72 16.95 15.73
N VAL A 472 -3.50 16.60 14.47
CA VAL A 472 -2.36 17.09 13.70
C VAL A 472 -2.85 17.98 12.56
N ASP A 473 -2.18 19.11 12.35
CA ASP A 473 -2.43 19.95 11.18
C ASP A 473 -1.38 19.70 10.10
N ALA A 474 -1.64 18.75 9.21
CA ALA A 474 -0.77 18.49 8.09
C ALA A 474 -1.55 17.82 6.96
N ASP A 475 -0.93 17.74 5.79
CA ASP A 475 -1.54 17.01 4.68
C ASP A 475 -1.42 15.52 4.96
N PHE A 476 -2.52 14.81 4.72
CA PHE A 476 -2.52 13.35 4.79
C PHE A 476 -3.16 12.82 3.52
N PRO A 477 -2.38 12.84 2.41
CA PRO A 477 -2.91 12.55 1.07
C PRO A 477 -3.07 11.06 0.79
N TYR A 478 -2.45 10.20 1.60
CA TYR A 478 -2.35 8.81 1.16
C TYR A 478 -3.01 7.78 2.05
N MET A 479 -3.59 8.21 3.18
CA MET A 479 -4.10 7.26 4.17
C MET A 479 -3.00 6.30 4.60
N ILE A 480 -1.81 6.84 4.83
CA ILE A 480 -0.68 6.01 5.26
C ILE A 480 -0.24 6.35 6.69
N MET A 481 -0.96 7.28 7.32
CA MET A 481 -0.70 7.62 8.72
C MET A 481 -1.97 7.74 9.54
N THR A 482 -1.96 7.16 10.74
CA THR A 482 -3.07 7.37 11.63
C THR A 482 -2.82 8.62 12.45
N THR A 483 -3.89 9.20 12.98
CA THR A 483 -3.77 10.32 13.90
C THR A 483 -5.02 10.32 14.78
N LYS A 484 -4.96 11.04 15.88
CA LYS A 484 -6.10 11.15 16.76
C LYS A 484 -7.09 12.18 16.23
N VAL A 485 -8.39 11.87 16.35
CA VAL A 485 -9.44 12.85 16.08
C VAL A 485 -9.62 13.79 17.28
N ARG A 486 -9.75 15.09 17.03
CA ARG A 486 -10.06 16.06 18.11
C ARG A 486 -11.42 15.75 18.76
N ALA A 487 -11.56 16.21 20.00
CA ALA A 487 -12.65 15.78 20.89
C ALA A 487 -14.07 15.92 20.33
N ALA A 488 -14.40 17.10 19.81
CA ALA A 488 -15.74 17.36 19.30
C ALA A 488 -16.17 16.38 18.20
N TYR A 489 -15.20 15.87 17.44
CA TYR A 489 -15.49 15.06 16.26
C TYR A 489 -15.43 13.54 16.47
N ALA A 490 -14.77 13.11 17.54
CA ALA A 490 -14.61 11.67 17.78
C ALA A 490 -15.95 10.95 17.95
N GLU A 491 -16.96 11.71 18.38
CA GLU A 491 -18.31 11.19 18.56
C GLU A 491 -19.22 11.61 17.40
N ARG A 492 -18.80 12.63 16.65
CA ARG A 492 -19.53 13.08 15.47
C ARG A 492 -19.28 12.16 14.27
N LEU A 493 -18.11 11.54 14.22
CA LEU A 493 -17.69 10.73 13.07
C LEU A 493 -17.45 9.26 13.39
N PRO A 494 -18.45 8.58 13.97
CA PRO A 494 -18.19 7.26 14.59
C PRO A 494 -17.88 6.11 13.61
N SER A 495 -18.27 6.23 12.35
CA SER A 495 -18.03 5.12 11.43
C SER A 495 -16.56 5.08 10.99
N VAL A 496 -15.84 6.17 11.22
CA VAL A 496 -14.47 6.27 10.76
C VAL A 496 -13.45 6.48 11.89
N VAL A 497 -13.86 6.19 13.13
CA VAL A 497 -12.91 6.17 14.25
C VAL A 497 -12.71 4.74 14.80
N HIS A 498 -11.47 4.48 15.23
CA HIS A 498 -11.07 3.14 15.65
C HIS A 498 -11.23 3.03 17.17
N GLU A 499 -10.91 1.85 17.71
CA GLU A 499 -11.09 1.56 19.13
C GLU A 499 -10.37 2.56 20.05
N ASP A 500 -9.28 3.12 19.55
CA ASP A 500 -8.44 4.03 20.30
C ASP A 500 -8.55 5.48 19.80
N TRP A 501 -9.69 5.81 19.19
CA TRP A 501 -9.93 7.15 18.61
C TRP A 501 -8.90 7.59 17.59
N SER A 502 -8.15 6.63 17.07
CA SER A 502 -7.28 6.88 15.95
C SER A 502 -8.15 6.88 14.69
N THR A 503 -7.73 7.64 13.69
CA THR A 503 -8.30 7.45 12.36
C THR A 503 -7.18 7.50 11.33
N ARG A 504 -7.45 7.03 10.11
CA ARG A 504 -6.41 6.95 9.07
C ARG A 504 -6.88 7.75 7.88
N PRO A 505 -6.70 9.08 7.94
CA PRO A 505 -7.43 9.99 7.06
C PRO A 505 -6.79 10.24 5.70
N GLN A 506 -7.64 10.66 4.77
CA GLN A 506 -7.19 11.29 3.53
C GLN A 506 -7.63 12.73 3.56
N THR A 507 -6.70 13.66 3.36
CA THR A 507 -7.05 15.06 3.17
C THR A 507 -7.12 15.36 1.66
N VAL A 508 -8.17 16.05 1.25
CA VAL A 508 -8.40 16.32 -0.16
C VAL A 508 -8.27 17.81 -0.46
N THR A 509 -7.45 18.15 -1.46
CA THR A 509 -7.36 19.53 -1.94
C THR A 509 -8.12 19.66 -3.25
N GLU A 510 -8.55 20.88 -3.56
CA GLU A 510 -9.25 21.15 -4.80
C GLU A 510 -8.37 20.79 -6.01
N ALA A 511 -7.07 21.03 -5.87
CA ALA A 511 -6.10 20.74 -6.92
C ALA A 511 -5.95 19.25 -7.22
N SER A 512 -5.77 18.45 -6.17
CA SER A 512 -5.54 17.01 -6.33
C SER A 512 -6.72 16.26 -6.96
N ASN A 513 -7.94 16.70 -6.68
CA ASN A 513 -9.13 15.97 -7.11
C ASN A 513 -10.37 16.85 -7.03
N PRO A 514 -10.55 17.72 -8.03
CA PRO A 514 -11.65 18.71 -7.96
C PRO A 514 -13.02 18.05 -7.83
N ARG A 515 -13.21 16.92 -8.49
CA ARG A 515 -14.50 16.22 -8.49
C ARG A 515 -14.85 15.72 -7.08
N TYR A 516 -13.91 15.02 -6.46
CA TYR A 516 -14.08 14.50 -5.11
C TYR A 516 -14.24 15.68 -4.15
N HIS A 517 -13.42 16.72 -4.36
CA HIS A 517 -13.46 17.91 -3.51
C HIS A 517 -14.84 18.61 -3.56
N ARG A 518 -15.38 18.75 -4.76
CA ARG A 518 -16.71 19.31 -4.95
C ARG A 518 -17.76 18.47 -4.20
N MET A 519 -17.69 17.16 -4.39
CA MET A 519 -18.56 16.20 -3.70
C MET A 519 -18.54 16.38 -2.16
N LEU A 520 -17.35 16.36 -1.55
CA LEU A 520 -17.24 16.54 -0.10
C LEU A 520 -17.75 17.90 0.34
N THR A 521 -17.51 18.91 -0.48
CA THR A 521 -18.05 20.24 -0.19
C THR A 521 -19.56 20.17 -0.15
N GLU A 522 -20.16 19.52 -1.15
CA GLU A 522 -21.61 19.36 -1.19
C GLU A 522 -22.08 18.59 0.05
N LEU A 523 -21.30 17.57 0.44
CA LEU A 523 -21.61 16.77 1.61
C LEU A 523 -21.57 17.58 2.91
N GLY A 524 -20.61 18.49 3.00
CA GLY A 524 -20.50 19.35 4.18
C GLY A 524 -21.68 20.29 4.37
N ASP A 525 -22.35 20.63 3.27
CA ASP A 525 -23.53 21.50 3.33
C ASP A 525 -24.73 20.75 3.92
N LEU A 526 -24.65 19.43 3.88
CA LEU A 526 -25.75 18.56 4.26
C LEU A 526 -25.62 18.01 5.68
N VAL A 527 -24.42 17.57 6.02
CA VAL A 527 -24.21 16.89 7.29
C VAL A 527 -23.29 17.65 8.24
N GLY A 528 -22.95 18.88 7.86
CA GLY A 528 -22.17 19.78 8.72
C GLY A 528 -20.68 19.67 8.47
N ASP A 529 -20.21 18.44 8.29
CA ASP A 529 -18.79 18.19 8.07
C ASP A 529 -18.57 17.56 6.71
N PRO A 530 -17.63 18.12 5.94
CA PRO A 530 -17.24 17.59 4.63
C PRO A 530 -16.29 16.40 4.78
N VAL A 531 -16.82 15.33 5.34
CA VAL A 531 -16.05 14.13 5.65
C VAL A 531 -16.91 12.96 5.24
N CYS A 532 -16.30 11.93 4.66
CA CYS A 532 -17.06 10.72 4.41
C CYS A 532 -16.22 9.51 4.71
N LEU A 533 -16.88 8.38 4.91
CA LEU A 533 -16.21 7.09 4.91
C LEU A 533 -15.78 6.77 3.47
N ASN A 534 -14.54 6.31 3.34
CA ASN A 534 -13.97 5.96 2.06
C ASN A 534 -13.18 4.66 2.21
N THR A 535 -13.80 3.56 1.79
CA THR A 535 -13.12 2.29 1.77
C THR A 535 -12.92 1.89 0.30
N SER A 536 -12.06 0.92 0.02
CA SER A 536 -11.75 0.62 -1.38
C SER A 536 -12.88 -0.13 -2.08
N PHE A 537 -13.03 0.15 -3.37
CA PHE A 537 -14.10 -0.40 -4.19
C PHE A 537 -13.72 -1.81 -4.68
N ASN A 538 -14.19 -2.80 -3.93
CA ASN A 538 -13.88 -4.21 -4.14
C ASN A 538 -14.56 -5.01 -3.06
N ASP A 539 -14.86 -6.27 -3.34
CA ASP A 539 -15.21 -7.23 -2.30
C ASP A 539 -13.98 -7.36 -1.38
N ARG A 540 -14.17 -7.73 -0.11
CA ARG A 540 -13.01 -7.92 0.77
C ARG A 540 -12.15 -9.02 0.23
N GLY A 541 -10.83 -8.81 0.24
CA GLY A 541 -9.90 -9.75 -0.35
C GLY A 541 -9.63 -9.48 -1.82
N GLU A 542 -10.62 -8.94 -2.55
CA GLU A 542 -10.49 -8.74 -4.01
C GLU A 542 -9.64 -7.51 -4.33
N PRO A 543 -8.85 -7.56 -5.42
CA PRO A 543 -8.11 -6.35 -5.83
C PRO A 543 -9.05 -5.17 -6.06
N ILE A 544 -8.60 -3.96 -5.76
CA ILE A 544 -9.40 -2.78 -6.02
C ILE A 544 -9.82 -2.76 -7.50
N VAL A 545 -11.07 -2.40 -7.79
CA VAL A 545 -11.54 -2.38 -9.17
C VAL A 545 -10.74 -1.38 -9.97
N SER A 546 -10.51 -1.69 -11.24
CA SER A 546 -9.71 -0.81 -12.08
C SER A 546 -10.54 -0.29 -13.24
N SER A 547 -11.14 -1.22 -14.00
CA SER A 547 -11.87 -0.90 -15.23
C SER A 547 -13.34 -0.64 -14.94
N PRO A 548 -14.04 0.04 -15.86
CA PRO A 548 -15.48 0.17 -15.66
C PRO A 548 -16.19 -1.20 -15.59
N ALA A 549 -15.75 -2.18 -16.37
CA ALA A 549 -16.32 -3.53 -16.23
C ALA A 549 -16.06 -4.12 -14.83
N ASP A 550 -14.84 -3.94 -14.32
CA ASP A 550 -14.50 -4.34 -12.96
C ASP A 550 -15.49 -3.74 -11.98
N ALA A 551 -15.77 -2.45 -12.16
CA ALA A 551 -16.59 -1.72 -11.21
C ALA A 551 -18.02 -2.22 -11.25
N LEU A 552 -18.44 -2.63 -12.43
CA LEU A 552 -19.81 -3.06 -12.63
C LEU A 552 -20.04 -4.47 -12.07
N LEU A 553 -19.07 -5.35 -12.28
CA LEU A 553 -19.08 -6.70 -11.69
C LEU A 553 -19.18 -6.64 -10.17
N THR A 554 -18.36 -5.78 -9.56
CA THR A 554 -18.37 -5.62 -8.10
C THR A 554 -19.65 -4.95 -7.63
N PHE A 555 -20.07 -3.90 -8.33
CA PHE A 555 -21.32 -3.21 -8.03
C PHE A 555 -22.49 -4.19 -7.94
N SER A 556 -22.49 -5.18 -8.83
CA SER A 556 -23.63 -6.06 -9.00
C SER A 556 -23.55 -7.29 -8.11
N ARG A 557 -22.35 -7.62 -7.65
CA ARG A 557 -22.21 -8.77 -6.77
C ARG A 557 -22.43 -8.38 -5.31
N LEU A 558 -22.39 -7.07 -5.05
CA LEU A 558 -22.45 -6.53 -3.69
C LEU A 558 -23.70 -5.67 -3.47
N PRO A 559 -24.18 -5.61 -2.21
CA PRO A 559 -25.37 -4.80 -1.98
C PRO A 559 -25.01 -3.33 -1.84
N ILE A 560 -24.46 -2.77 -2.92
CA ILE A 560 -24.13 -1.35 -3.02
C ILE A 560 -25.34 -0.63 -3.61
N ASP A 561 -25.64 0.56 -3.12
CA ASP A 561 -26.86 1.25 -3.52
C ASP A 561 -26.76 1.94 -4.88
N ALA A 562 -25.62 2.60 -5.12
CA ALA A 562 -25.41 3.32 -6.36
C ALA A 562 -23.93 3.25 -6.80
N LEU A 563 -23.70 3.53 -8.07
CA LEU A 563 -22.36 3.60 -8.61
C LEU A 563 -22.26 4.85 -9.48
N ALA A 564 -21.38 5.77 -9.10
CA ALA A 564 -21.05 6.88 -9.98
C ALA A 564 -19.75 6.55 -10.72
N VAL A 565 -19.88 6.22 -12.00
CA VAL A 565 -18.74 5.80 -12.81
C VAL A 565 -18.61 6.75 -13.99
N GLY A 566 -17.48 7.46 -14.05
CA GLY A 566 -17.37 8.62 -14.93
C GLY A 566 -18.43 9.66 -14.61
N PRO A 567 -19.18 10.10 -15.64
CA PRO A 567 -20.28 11.05 -15.44
C PRO A 567 -21.64 10.37 -15.24
N TYR A 568 -21.62 9.05 -15.16
CA TYR A 568 -22.86 8.30 -15.10
C TYR A 568 -23.20 7.78 -13.71
N LEU A 569 -24.49 7.71 -13.42
CA LEU A 569 -24.99 7.21 -12.14
C LEU A 569 -25.88 6.00 -12.37
N VAL A 570 -25.50 4.88 -11.77
CA VAL A 570 -26.32 3.66 -11.79
C VAL A 570 -26.92 3.41 -10.40
N THR A 571 -28.21 3.10 -10.34
CA THR A 571 -28.88 2.85 -9.06
C THR A 571 -29.46 1.44 -8.97
N LYS A 572 -29.19 0.75 -7.86
CA LYS A 572 -29.87 -0.51 -7.57
C LYS A 572 -31.26 -0.25 -7.03
N CP B . -9.83 4.04 1.25
C CP B . -9.38 2.84 1.67
O CP B . -8.36 2.29 1.24
O4P CP B . -10.12 2.14 2.71
P CP B . -9.82 0.58 3.06
O1P CP B . -10.83 0.31 4.17
O2P CP B . -10.12 -0.09 1.76
O3P CP B . -8.38 0.62 3.50
PG APC C . -10.53 -4.86 1.80
O1G APC C . -11.89 -5.28 2.43
O2G APC C . -10.78 -3.64 0.95
O3G APC C . -10.00 -5.98 0.99
PB APC C . -8.24 -3.87 3.12
O1B APC C . -8.38 -2.40 3.64
O2B APC C . -7.53 -3.89 1.75
O3B APC C . -9.60 -4.58 3.04
PA APC C . -5.32 -4.32 4.14
O1A APC C . -4.41 -5.56 4.15
O2A APC C . -5.02 -3.45 2.88
C3A APC C . -7.09 -4.86 4.16
O5' APC C . -4.93 -3.48 5.42
C5' APC C . -5.76 -2.48 5.87
C4' APC C . -5.89 -2.43 7.36
O4' APC C . -5.74 -1.14 7.85
C3' APC C . -7.22 -2.91 7.75
O3' APC C . -7.09 -3.81 8.86
C2' APC C . -7.88 -1.75 8.22
O2' APC C . -8.83 -2.17 9.10
C1' APC C . -6.77 -1.04 8.90
N9 APC C . -7.09 0.30 9.49
C8 APC C . -7.86 1.30 8.95
N7 APC C . -7.89 2.33 9.80
C5 APC C . -7.14 1.99 10.90
C6 APC C . -6.83 2.66 12.10
N6 APC C . -7.33 3.99 12.35
N1 APC C . -6.03 2.05 13.02
C2 APC C . -5.55 0.79 12.80
N3 APC C . -5.84 0.13 11.66
C4 APC C . -6.63 0.70 10.70
MN MN D . -9.03 -1.95 0.76
K K E . 5.89 16.78 16.72
FE FE2 F . 10.91 -4.52 -0.09
C1 EDO G . -12.71 5.93 -14.61
O1 EDO G . -11.71 6.71 -15.31
C2 EDO G . -14.09 6.38 -15.05
O2 EDO G . -14.13 7.82 -15.06
#